data_1ZBW
#
_entry.id   1ZBW
#
_cell.length_a   63.037
_cell.length_b   66.280
_cell.length_c   107.915
_cell.angle_alpha   90.00
_cell.angle_beta   90.00
_cell.angle_gamma   90.00
#
_symmetry.space_group_name_H-M   'P 21 21 21'
#
loop_
_entity.id
_entity.type
_entity.pdbx_description
1 polymer 'Chitinase-3 like protein 1'
2 polymer WPW
3 non-polymer 2-acetamido-2-deoxy-beta-D-glucopyranose
4 water water
#
loop_
_entity_poly.entity_id
_entity_poly.type
_entity_poly.pdbx_seq_one_letter_code
_entity_poly.pdbx_strand_id
1 'polypeptide(L)'
;YKLICYYTSWSQYREGDGSCFPDAIDPFLCTHVIYSFANISNNEIDTWEWNDVTLYDTLNTLKNRNPKLKTLLSVGGWNF
GPERFSKIASKTQSRRTFIKSVPPFLRTHGFDGLDLAWLYPGRRDKRHLTALVKEMKAEFAREAQAGTERLLLSAAVSAG
KIAIDRGYDIAQISRHLDFISLLTYDFHGAWRQTVGHHSPLFRGNSDASSRFSNADYAVSYMLRLGAPANKLVMGIPTFG
RSFTLASSKTDVGAPISGPGIPGRFTKEKGILAYYEICDFLHGATTHRFRDQQVPYATKGNQWVAYDDQESVKNKARYLK
NRQLAGAMVWALDLDDFRGTFCGQNLTFPLTSAVKDVLARV
;
A
2 'polypeptide(L)' WPW D
#
loop_
_chem_comp.id
_chem_comp.type
_chem_comp.name
_chem_comp.formula
NAG D-saccharide, beta linking 2-acetamido-2-deoxy-beta-D-glucopyranose 'C8 H15 N O6'
#
# COMPACT_ATOMS: atom_id res chain seq x y z
N TYR A 1 2.76 5.51 17.44
CA TYR A 1 2.31 5.58 16.04
C TYR A 1 2.81 4.35 15.29
N LYS A 2 1.91 3.72 14.51
CA LYS A 2 2.24 2.61 13.66
C LYS A 2 2.84 3.03 12.31
N LEU A 3 3.80 2.28 11.83
CA LEU A 3 4.37 2.52 10.53
C LEU A 3 4.35 1.16 9.78
N ILE A 4 3.29 0.92 9.01
CA ILE A 4 3.16 -0.29 8.27
C ILE A 4 3.86 -0.23 6.92
N CYS A 5 4.91 -1.00 6.75
CA CYS A 5 5.65 -1.02 5.49
C CYS A 5 5.53 -2.33 4.73
N TYR A 6 5.11 -2.25 3.47
CA TYR A 6 4.97 -3.39 2.56
C TYR A 6 6.28 -3.77 1.82
N TYR A 7 6.53 -5.05 1.67
CA TYR A 7 7.65 -5.54 0.92
C TYR A 7 7.00 -6.45 -0.13
N THR A 8 7.38 -6.29 -1.40
CA THR A 8 6.84 -7.16 -2.46
C THR A 8 7.80 -8.29 -2.92
N SER A 9 7.25 -9.49 -3.06
CA SER A 9 7.99 -10.66 -3.51
C SER A 9 8.73 -10.51 -4.82
N TRP A 10 8.03 -10.08 -5.85
CA TRP A 10 8.63 -9.94 -7.17
C TRP A 10 9.74 -8.94 -7.26
N SER A 11 9.97 -8.13 -6.24
CA SER A 11 11.05 -7.14 -6.33
C SER A 11 12.44 -7.78 -6.30
N GLN A 12 12.50 -9.07 -6.03
CA GLN A 12 13.78 -9.77 -6.01
C GLN A 12 14.37 -9.95 -7.39
N TYR A 13 13.52 -10.04 -8.39
CA TYR A 13 13.92 -10.28 -9.79
C TYR A 13 14.41 -9.05 -10.59
N ARG A 14 14.42 -7.88 -9.99
CA ARG A 14 14.86 -6.68 -10.68
C ARG A 14 16.34 -6.73 -10.87
N GLU A 15 16.81 -6.24 -12.02
CA GLU A 15 18.25 -6.28 -12.31
C GLU A 15 19.12 -5.32 -11.48
N GLY A 16 20.37 -5.72 -11.32
CA GLY A 16 21.33 -4.91 -10.59
C GLY A 16 20.88 -4.46 -9.23
N ASP A 17 21.13 -3.19 -8.95
CA ASP A 17 20.75 -2.56 -7.69
C ASP A 17 19.26 -2.59 -7.46
N GLY A 18 18.51 -2.80 -8.51
CA GLY A 18 17.06 -2.85 -8.39
C GLY A 18 16.60 -4.01 -7.56
N SER A 19 17.42 -5.04 -7.48
CA SER A 19 17.08 -6.24 -6.73
C SER A 19 17.00 -5.93 -5.24
N CYS A 20 15.94 -6.45 -4.60
CA CYS A 20 15.72 -6.21 -3.18
C CYS A 20 15.19 -7.43 -2.45
N PHE A 21 15.87 -7.79 -1.38
CA PHE A 21 15.48 -8.92 -0.56
C PHE A 21 15.25 -8.42 0.87
N PRO A 22 14.49 -9.17 1.68
CA PRO A 22 14.15 -8.81 3.05
C PRO A 22 15.38 -8.33 3.74
N ASP A 23 16.46 -8.94 3.35
CA ASP A 23 17.81 -8.66 3.83
C ASP A 23 18.10 -7.15 3.94
N ALA A 24 17.65 -6.39 2.93
CA ALA A 24 17.89 -4.96 2.88
C ALA A 24 17.06 -4.06 3.79
N ILE A 25 16.13 -4.65 4.55
CA ILE A 25 15.25 -3.88 5.43
C ILE A 25 15.82 -3.55 6.80
N ASP A 26 15.81 -2.29 7.13
CA ASP A 26 16.26 -1.82 8.43
C ASP A 26 15.22 -2.24 9.44
N PRO A 27 15.58 -3.17 10.32
CA PRO A 27 14.72 -3.74 11.35
C PRO A 27 14.07 -2.72 12.27
N PHE A 28 14.67 -1.55 12.38
CA PHE A 28 14.14 -0.55 13.27
C PHE A 28 13.36 0.54 12.60
N LEU A 29 13.29 0.49 11.29
CA LEU A 29 12.58 1.50 10.49
C LEU A 29 11.07 1.47 10.70
N CYS A 30 10.43 0.36 10.43
CA CYS A 30 8.99 0.25 10.56
C CYS A 30 8.60 -0.45 11.81
N THR A 31 7.31 -0.46 12.13
CA THR A 31 6.83 -1.21 13.32
C THR A 31 6.27 -2.55 12.86
N HIS A 32 5.73 -2.56 11.62
CA HIS A 32 5.15 -3.73 11.01
C HIS A 32 5.60 -3.82 9.56
N VAL A 33 6.02 -5.00 9.11
CA VAL A 33 6.40 -5.19 7.72
C VAL A 33 5.50 -6.27 7.16
N ILE A 34 4.81 -5.96 6.07
CA ILE A 34 3.88 -6.88 5.43
C ILE A 34 4.49 -7.47 4.17
N TYR A 35 4.59 -8.80 4.15
CA TYR A 35 5.14 -9.53 3.00
C TYR A 35 4.07 -9.56 1.97
N SER A 36 4.36 -9.07 0.78
CA SER A 36 3.35 -8.98 -0.26
C SER A 36 3.07 -10.14 -1.17
N PHE A 37 1.83 -10.57 -0.92
CA PHE A 37 1.01 -11.58 -1.55
C PHE A 37 1.33 -13.02 -1.47
N ALA A 38 0.51 -13.66 -0.64
CA ALA A 38 0.46 -15.06 -0.44
C ALA A 38 -0.63 -15.33 -1.45
N ASN A 39 -0.95 -16.60 -1.66
CA ASN A 39 -1.96 -16.96 -2.60
C ASN A 39 -2.95 -17.94 -2.00
N ILE A 40 -3.91 -18.40 -2.82
CA ILE A 40 -4.88 -19.38 -2.36
C ILE A 40 -5.01 -20.57 -3.35
N SER A 41 -4.82 -21.79 -2.86
CA SER A 41 -4.94 -22.99 -3.67
C SER A 41 -5.81 -23.99 -2.94
N ASN A 42 -6.80 -24.55 -3.62
CA ASN A 42 -7.68 -25.50 -2.97
C ASN A 42 -8.21 -24.89 -1.68
N ASN A 43 -8.70 -23.66 -1.82
CA ASN A 43 -9.25 -22.86 -0.73
C ASN A 43 -8.38 -22.77 0.52
N GLU A 44 -7.07 -22.84 0.32
CA GLU A 44 -6.12 -22.77 1.42
C GLU A 44 -5.03 -21.75 1.11
N ILE A 45 -4.57 -21.06 2.14
CA ILE A 45 -3.48 -20.11 1.94
C ILE A 45 -2.29 -20.90 1.45
N ASP A 46 -1.44 -20.27 0.66
CA ASP A 46 -0.30 -20.96 0.10
C ASP A 46 0.70 -19.96 -0.46
N THR A 47 1.91 -20.40 -0.71
CA THR A 47 2.95 -19.56 -1.25
C THR A 47 2.66 -19.11 -2.66
N TRP A 48 3.54 -18.29 -3.21
CA TRP A 48 3.35 -17.77 -4.54
C TRP A 48 4.69 -17.93 -5.33
N GLU A 49 5.75 -17.41 -4.77
CA GLU A 49 7.06 -17.54 -5.38
C GLU A 49 7.62 -18.89 -4.94
N TRP A 50 8.45 -19.47 -5.79
CA TRP A 50 9.05 -20.76 -5.49
C TRP A 50 9.85 -20.68 -4.17
N ASN A 51 10.59 -19.60 -3.98
CA ASN A 51 11.39 -19.48 -2.77
C ASN A 51 10.78 -18.64 -1.63
N ASP A 52 9.46 -18.45 -1.59
CA ASP A 52 8.84 -17.68 -0.53
C ASP A 52 9.23 -18.25 0.83
N VAL A 53 9.23 -19.56 0.98
CA VAL A 53 9.60 -20.17 2.24
C VAL A 53 10.93 -19.65 2.72
N THR A 54 11.84 -19.41 1.80
CA THR A 54 13.16 -18.89 2.16
C THR A 54 13.07 -17.41 2.53
N LEU A 55 12.40 -16.62 1.71
CA LEU A 55 12.27 -15.22 2.00
C LEU A 55 11.47 -14.98 3.29
N TYR A 56 10.42 -15.79 3.52
CA TYR A 56 9.63 -15.68 4.72
C TYR A 56 10.59 -15.68 5.94
N ASP A 57 11.45 -16.71 5.93
CA ASP A 57 12.42 -16.96 6.96
C ASP A 57 13.41 -15.83 7.04
N THR A 58 13.82 -15.31 5.89
CA THR A 58 14.78 -14.21 5.84
C THR A 58 14.18 -12.99 6.49
N LEU A 59 12.92 -12.71 6.16
CA LEU A 59 12.20 -11.55 6.71
C LEU A 59 11.94 -11.70 8.18
N ASN A 60 11.53 -12.88 8.61
CA ASN A 60 11.20 -13.10 10.03
C ASN A 60 12.44 -13.20 10.95
N THR A 61 13.63 -13.24 10.40
CA THR A 61 14.80 -13.25 11.24
C THR A 61 15.14 -11.82 11.70
N LEU A 62 14.69 -10.81 10.95
CA LEU A 62 14.90 -9.43 11.34
C LEU A 62 14.38 -9.26 12.77
N LYS A 63 13.36 -10.01 13.12
CA LYS A 63 12.81 -9.94 14.46
C LYS A 63 13.81 -10.30 15.49
N ASN A 64 14.90 -10.94 15.06
CA ASN A 64 15.99 -11.31 15.98
C ASN A 64 16.73 -10.06 16.40
N ARG A 65 16.81 -9.08 15.52
CA ARG A 65 17.50 -7.85 15.84
C ARG A 65 16.56 -6.88 16.51
N ASN A 66 15.29 -6.91 16.15
CA ASN A 66 14.30 -6.02 16.75
C ASN A 66 13.15 -6.88 17.23
N PRO A 67 13.13 -7.20 18.51
CA PRO A 67 12.11 -8.03 19.16
C PRO A 67 10.69 -7.51 18.99
N LYS A 68 10.54 -6.18 18.96
CA LYS A 68 9.23 -5.57 18.81
C LYS A 68 8.66 -5.51 17.37
N LEU A 69 9.47 -5.83 16.40
CA LEU A 69 9.05 -5.79 15.04
C LEU A 69 7.98 -6.84 14.81
N LYS A 70 6.88 -6.47 14.15
CA LYS A 70 5.80 -7.40 13.87
C LYS A 70 5.72 -7.60 12.38
N THR A 71 5.42 -8.81 11.93
CA THR A 71 5.30 -9.05 10.49
C THR A 71 3.95 -9.66 10.15
N LEU A 72 3.49 -9.42 8.92
CA LEU A 72 2.20 -9.96 8.46
C LEU A 72 2.39 -10.44 7.05
N LEU A 73 1.51 -11.34 6.62
CA LEU A 73 1.52 -11.87 5.25
C LEU A 73 0.25 -11.34 4.65
N SER A 74 0.33 -10.87 3.43
CA SER A 74 -0.87 -10.32 2.78
C SER A 74 -1.43 -11.30 1.74
N VAL A 75 -2.74 -11.48 1.71
CA VAL A 75 -3.41 -12.32 0.75
C VAL A 75 -4.17 -11.47 -0.24
N GLY A 76 -4.06 -11.82 -1.53
CA GLY A 76 -4.72 -11.09 -2.56
C GLY A 76 -3.70 -10.42 -3.46
N GLY A 77 -3.90 -9.11 -3.69
CA GLY A 77 -3.03 -8.35 -4.56
C GLY A 77 -3.78 -8.06 -5.86
N TRP A 78 -3.12 -7.33 -6.77
CA TRP A 78 -3.75 -7.01 -8.06
C TRP A 78 -3.71 -8.18 -9.03
N ASN A 79 -2.60 -8.91 -8.99
CA ASN A 79 -2.44 -10.06 -9.86
C ASN A 79 -3.31 -11.19 -9.36
N PHE A 80 -4.13 -10.92 -8.35
CA PHE A 80 -5.03 -11.92 -7.78
C PHE A 80 -6.44 -11.54 -8.17
N GLY A 81 -7.05 -12.31 -9.06
CA GLY A 81 -8.41 -11.99 -9.50
C GLY A 81 -9.44 -11.78 -8.40
N PRO A 82 -10.09 -10.61 -8.34
CA PRO A 82 -11.12 -10.33 -7.34
C PRO A 82 -12.25 -11.36 -7.36
N GLU A 83 -12.49 -11.92 -8.54
CA GLU A 83 -13.52 -12.93 -8.71
C GLU A 83 -13.16 -14.12 -7.85
N ARG A 84 -11.87 -14.49 -7.90
CA ARG A 84 -11.37 -15.61 -7.13
C ARG A 84 -11.67 -15.41 -5.66
N PHE A 85 -11.49 -14.17 -5.22
CA PHE A 85 -11.74 -13.85 -3.83
C PHE A 85 -13.22 -13.99 -3.60
N SER A 86 -13.99 -13.33 -4.45
CA SER A 86 -15.44 -13.33 -4.35
C SER A 86 -16.01 -14.75 -4.27
N LYS A 87 -15.46 -15.66 -5.06
CA LYS A 87 -15.91 -17.05 -5.09
C LYS A 87 -15.60 -17.81 -3.79
N ILE A 88 -14.46 -17.50 -3.16
CA ILE A 88 -14.08 -18.12 -1.91
C ILE A 88 -14.97 -17.64 -0.77
N ALA A 89 -15.33 -16.36 -0.80
CA ALA A 89 -16.12 -15.76 0.27
C ALA A 89 -17.63 -15.99 0.25
N SER A 90 -18.18 -16.18 -0.94
CA SER A 90 -19.62 -16.43 -1.12
C SER A 90 -20.09 -17.76 -0.58
N LYS A 91 -19.28 -18.80 -0.74
CA LYS A 91 -19.65 -20.13 -0.26
C LYS A 91 -19.08 -20.39 1.13
N THR A 92 -19.93 -20.36 2.14
CA THR A 92 -19.46 -20.62 3.50
C THR A 92 -18.57 -21.86 3.60
N GLN A 93 -18.75 -22.81 2.71
CA GLN A 93 -17.94 -24.03 2.76
C GLN A 93 -16.46 -23.73 2.44
N SER A 94 -16.21 -23.00 1.38
CA SER A 94 -14.86 -22.69 0.98
C SER A 94 -14.25 -21.63 1.88
N ARG A 95 -15.09 -20.78 2.44
CA ARG A 95 -14.65 -19.74 3.35
C ARG A 95 -14.08 -20.30 4.65
N ARG A 96 -14.82 -21.19 5.29
CA ARG A 96 -14.37 -21.78 6.54
C ARG A 96 -13.08 -22.58 6.31
N THR A 97 -12.99 -23.21 5.17
CA THR A 97 -11.82 -23.99 4.86
C THR A 97 -10.61 -23.08 4.73
N PHE A 98 -10.81 -21.92 4.11
CA PHE A 98 -9.74 -20.98 3.96
C PHE A 98 -9.32 -20.43 5.35
N ILE A 99 -10.31 -19.97 6.09
CA ILE A 99 -10.05 -19.46 7.43
C ILE A 99 -9.26 -20.44 8.27
N LYS A 100 -9.71 -21.68 8.32
CA LYS A 100 -9.06 -22.71 9.13
C LYS A 100 -7.60 -22.99 8.74
N SER A 101 -7.23 -22.77 7.49
CA SER A 101 -5.88 -23.09 7.07
C SER A 101 -4.87 -22.02 7.36
N VAL A 102 -5.35 -20.81 7.69
CA VAL A 102 -4.45 -19.69 7.91
C VAL A 102 -3.56 -19.74 9.15
N PRO A 103 -4.14 -19.88 10.34
CA PRO A 103 -3.30 -19.89 11.55
C PRO A 103 -2.11 -20.86 11.48
N PRO A 104 -2.33 -22.14 11.20
CA PRO A 104 -1.21 -23.09 11.13
C PRO A 104 -0.11 -22.60 10.19
N PHE A 105 -0.50 -22.01 9.07
CA PHE A 105 0.44 -21.51 8.07
C PHE A 105 1.31 -20.41 8.65
N LEU A 106 0.65 -19.36 9.12
CA LEU A 106 1.33 -18.22 9.68
C LEU A 106 2.25 -18.66 10.82
N ARG A 107 1.73 -19.54 11.68
CA ARG A 107 2.49 -20.01 12.80
C ARG A 107 3.75 -20.74 12.34
N THR A 108 3.62 -21.61 11.34
CA THR A 108 4.77 -22.35 10.82
C THR A 108 5.83 -21.43 10.34
N HIS A 109 5.47 -20.42 9.57
CA HIS A 109 6.48 -19.51 8.98
C HIS A 109 6.87 -18.30 9.81
N GLY A 110 6.28 -18.15 10.98
CA GLY A 110 6.66 -17.05 11.86
C GLY A 110 6.05 -15.69 11.69
N PHE A 111 4.88 -15.62 11.09
CA PHE A 111 4.19 -14.34 10.93
C PHE A 111 3.35 -14.06 12.14
N ASP A 112 3.11 -12.79 12.41
CA ASP A 112 2.30 -12.42 13.57
C ASP A 112 0.91 -12.05 13.15
N GLY A 113 0.60 -12.20 11.86
CA GLY A 113 -0.73 -11.86 11.39
C GLY A 113 -0.98 -11.97 9.91
N LEU A 114 -2.24 -11.74 9.53
CA LEU A 114 -2.66 -11.82 8.14
C LEU A 114 -3.22 -10.48 7.71
N ASP A 115 -2.89 -10.09 6.48
CA ASP A 115 -3.41 -8.87 5.90
C ASP A 115 -4.25 -9.20 4.65
N LEU A 116 -5.51 -8.73 4.61
CA LEU A 116 -6.39 -9.02 3.48
C LEU A 116 -6.30 -7.97 2.42
N ALA A 117 -5.81 -8.32 1.25
CA ALA A 117 -5.74 -7.36 0.14
C ALA A 117 -6.72 -7.74 -0.98
N TRP A 118 -7.97 -7.99 -0.62
CA TRP A 118 -9.02 -8.29 -1.61
C TRP A 118 -9.09 -7.00 -2.40
N LEU A 119 -8.49 -6.94 -3.55
CA LEU A 119 -8.50 -5.71 -4.26
C LEU A 119 -9.80 -5.40 -5.01
N TYR A 120 -10.61 -4.71 -4.23
CA TYR A 120 -11.89 -4.19 -4.55
C TYR A 120 -12.97 -5.22 -4.65
N PRO A 121 -13.80 -5.27 -3.64
CA PRO A 121 -14.98 -6.11 -3.55
C PRO A 121 -16.07 -5.35 -4.26
N GLY A 122 -17.02 -6.04 -4.84
CA GLY A 122 -18.07 -5.38 -5.56
C GLY A 122 -19.30 -5.22 -4.73
N ARG A 123 -20.32 -4.61 -5.32
CA ARG A 123 -21.59 -4.40 -4.64
C ARG A 123 -22.14 -5.74 -4.14
N ARG A 124 -22.09 -6.78 -4.93
CA ARG A 124 -22.56 -8.09 -4.46
C ARG A 124 -21.63 -8.76 -3.42
N ASP A 125 -20.48 -8.15 -3.13
CA ASP A 125 -19.52 -8.73 -2.19
C ASP A 125 -19.53 -8.22 -0.74
N LYS A 126 -20.02 -7.01 -0.53
CA LYS A 126 -20.02 -6.40 0.81
C LYS A 126 -20.40 -7.38 1.94
N ARG A 127 -21.52 -8.06 1.78
CA ARG A 127 -22.01 -8.99 2.80
C ARG A 127 -20.96 -10.06 3.16
N HIS A 128 -20.40 -10.67 2.14
CA HIS A 128 -19.42 -11.74 2.32
C HIS A 128 -18.07 -11.27 2.88
N LEU A 129 -17.68 -10.05 2.54
CA LEU A 129 -16.42 -9.53 3.05
C LEU A 129 -16.60 -9.45 4.58
N THR A 130 -17.73 -8.93 5.00
CA THR A 130 -17.99 -8.83 6.43
C THR A 130 -17.91 -10.21 7.08
N ALA A 131 -18.50 -11.19 6.45
CA ALA A 131 -18.47 -12.55 6.99
C ALA A 131 -17.06 -13.00 7.13
N LEU A 132 -16.26 -12.77 6.08
CA LEU A 132 -14.85 -13.20 6.08
C LEU A 132 -14.09 -12.62 7.26
N VAL A 133 -14.16 -11.31 7.43
CA VAL A 133 -13.47 -10.64 8.51
C VAL A 133 -13.95 -11.12 9.86
N LYS A 134 -15.27 -11.24 9.98
CA LYS A 134 -15.91 -11.64 11.23
C LYS A 134 -15.48 -13.04 11.65
N GLU A 135 -15.58 -13.98 10.74
CA GLU A 135 -15.20 -15.36 11.03
C GLU A 135 -13.69 -15.57 11.15
N MET A 136 -12.89 -14.84 10.38
CA MET A 136 -11.45 -14.95 10.47
C MET A 136 -11.00 -14.54 11.85
N LYS A 137 -11.45 -13.37 12.24
CA LYS A 137 -11.09 -12.86 13.56
C LYS A 137 -11.51 -13.84 14.62
N ALA A 138 -12.70 -14.42 14.48
CA ALA A 138 -13.19 -15.39 15.48
C ALA A 138 -12.22 -16.58 15.59
N GLU A 139 -11.73 -17.05 14.45
CA GLU A 139 -10.81 -18.17 14.41
C GLU A 139 -9.51 -17.77 15.12
N PHE A 140 -9.07 -16.54 14.91
CA PHE A 140 -7.86 -16.08 15.55
C PHE A 140 -7.99 -16.05 17.08
N ALA A 141 -9.15 -15.58 17.58
CA ALA A 141 -9.40 -15.50 19.01
C ALA A 141 -9.41 -16.88 19.61
N ARG A 142 -9.96 -17.81 18.89
CA ARG A 142 -10.07 -19.20 19.34
C ARG A 142 -8.69 -19.80 19.44
N GLU A 143 -7.85 -19.54 18.43
CA GLU A 143 -6.51 -20.10 18.40
C GLU A 143 -5.65 -19.57 19.54
N ALA A 144 -5.87 -18.35 19.99
CA ALA A 144 -5.05 -17.79 21.06
C ALA A 144 -5.30 -18.52 22.41
N GLN A 145 -6.44 -19.23 22.48
CA GLN A 145 -6.79 -19.97 23.68
C GLN A 145 -5.66 -20.98 23.98
N ALA A 146 -4.99 -21.42 22.92
CA ALA A 146 -3.90 -22.38 23.04
C ALA A 146 -2.70 -21.75 23.73
N GLY A 147 -2.88 -20.56 24.29
CA GLY A 147 -1.83 -19.92 25.05
C GLY A 147 -0.75 -19.22 24.28
N THR A 148 -1.09 -18.68 23.14
CA THR A 148 -0.11 -17.96 22.33
C THR A 148 -0.67 -16.61 21.92
N GLU A 149 0.18 -15.65 21.68
CA GLU A 149 -0.21 -14.30 21.27
C GLU A 149 -1.16 -14.32 20.09
N ARG A 150 -2.30 -13.67 20.22
CA ARG A 150 -3.31 -13.64 19.16
C ARG A 150 -2.77 -13.03 17.89
N LEU A 151 -3.06 -13.67 16.76
CA LEU A 151 -2.60 -13.20 15.46
C LEU A 151 -3.31 -11.89 15.11
N LEU A 152 -2.63 -10.99 14.40
CA LEU A 152 -3.24 -9.72 14.01
C LEU A 152 -4.00 -9.92 12.72
N LEU A 153 -4.96 -9.06 12.46
CA LEU A 153 -5.76 -9.14 11.25
C LEU A 153 -6.02 -7.72 10.75
N SER A 154 -5.54 -7.40 9.55
CA SER A 154 -5.72 -6.09 8.96
C SER A 154 -6.22 -6.25 7.60
N ALA A 155 -6.46 -5.13 6.94
CA ALA A 155 -7.01 -5.13 5.56
C ALA A 155 -6.64 -3.87 4.80
N ALA A 156 -6.31 -4.03 3.53
CA ALA A 156 -6.00 -2.89 2.67
C ALA A 156 -7.31 -2.50 2.02
N VAL A 157 -7.76 -1.28 2.28
CA VAL A 157 -9.03 -0.80 1.74
C VAL A 157 -8.91 0.36 0.77
N SER A 158 -9.82 0.41 -0.19
CA SER A 158 -9.86 1.47 -1.21
C SER A 158 -10.18 2.83 -0.55
N ALA A 159 -9.75 3.88 -1.23
CA ALA A 159 -9.93 5.24 -0.73
C ALA A 159 -10.88 6.02 -1.60
N GLY A 160 -11.48 5.41 -2.59
CA GLY A 160 -12.43 6.12 -3.43
C GLY A 160 -13.84 5.94 -2.89
N LYS A 161 -14.53 7.06 -2.69
CA LYS A 161 -15.89 7.09 -2.15
C LYS A 161 -16.79 6.06 -2.75
N ILE A 162 -16.96 6.11 -4.07
CA ILE A 162 -17.83 5.14 -4.73
C ILE A 162 -17.44 3.70 -4.43
N ALA A 163 -16.15 3.41 -4.51
CA ALA A 163 -15.62 2.08 -4.26
C ALA A 163 -15.97 1.62 -2.90
N ILE A 164 -15.89 2.55 -1.95
CA ILE A 164 -16.14 2.28 -0.53
C ILE A 164 -17.62 1.98 -0.30
N ASP A 165 -18.49 2.84 -0.84
CA ASP A 165 -19.94 2.67 -0.69
C ASP A 165 -20.39 1.37 -1.32
N ARG A 166 -19.76 1.01 -2.43
CA ARG A 166 -20.15 -0.16 -3.17
C ARG A 166 -19.84 -1.48 -2.42
N GLY A 167 -18.59 -1.71 -1.99
CA GLY A 167 -18.28 -2.99 -1.37
C GLY A 167 -17.87 -3.09 0.08
N TYR A 168 -17.93 -2.01 0.83
CA TYR A 168 -17.49 -2.13 2.22
C TYR A 168 -18.51 -1.72 3.29
N ASP A 169 -18.63 -2.53 4.30
CA ASP A 169 -19.49 -2.23 5.43
C ASP A 169 -18.46 -1.80 6.52
N ILE A 170 -17.96 -0.60 6.37
CA ILE A 170 -16.92 -0.07 7.26
C ILE A 170 -17.25 -0.15 8.75
N ALA A 171 -18.40 0.33 9.15
CA ALA A 171 -18.74 0.25 10.56
C ALA A 171 -18.61 -1.18 11.08
N GLN A 172 -18.98 -2.16 10.25
CA GLN A 172 -18.90 -3.56 10.64
C GLN A 172 -17.47 -4.10 10.72
N ILE A 173 -16.74 -4.09 9.62
CA ILE A 173 -15.41 -4.65 9.62
C ILE A 173 -14.45 -3.89 10.49
N SER A 174 -14.70 -2.63 10.75
CA SER A 174 -13.80 -1.82 11.57
C SER A 174 -13.65 -2.37 12.95
N ARG A 175 -14.73 -2.94 13.44
CA ARG A 175 -14.78 -3.46 14.80
C ARG A 175 -14.10 -4.78 14.98
N HIS A 176 -13.75 -5.44 13.88
CA HIS A 176 -13.06 -6.74 13.91
C HIS A 176 -11.59 -6.72 13.48
N LEU A 177 -11.19 -5.72 12.69
CA LEU A 177 -9.82 -5.58 12.21
C LEU A 177 -8.92 -4.90 13.20
N ASP A 178 -7.65 -5.21 13.21
CA ASP A 178 -6.69 -4.53 14.13
C ASP A 178 -6.32 -3.13 13.58
N PHE A 179 -6.24 -3.00 12.24
CA PHE A 179 -5.98 -1.73 11.59
C PHE A 179 -6.40 -1.78 10.15
N ILE A 180 -6.73 -0.61 9.61
CA ILE A 180 -7.16 -0.49 8.24
C ILE A 180 -6.24 0.45 7.48
N SER A 181 -5.66 -0.05 6.38
CA SER A 181 -4.81 0.74 5.55
C SER A 181 -5.60 1.39 4.46
N LEU A 182 -5.51 2.70 4.34
CA LEU A 182 -6.24 3.44 3.28
C LEU A 182 -5.41 3.61 2.05
N LEU A 183 -5.78 2.96 0.95
CA LEU A 183 -5.05 3.08 -0.32
C LEU A 183 -5.19 4.47 -0.90
N THR A 184 -4.74 5.47 -0.14
CA THR A 184 -4.82 6.85 -0.53
C THR A 184 -3.79 7.28 -1.58
N TYR A 185 -3.64 6.50 -2.62
CA TYR A 185 -2.69 6.87 -3.66
C TYR A 185 -3.09 6.37 -5.03
N ASP A 186 -4.36 6.07 -5.22
CA ASP A 186 -4.85 5.64 -6.50
C ASP A 186 -6.00 6.57 -6.86
N PHE A 187 -5.78 7.86 -6.72
CA PHE A 187 -6.83 8.83 -6.97
C PHE A 187 -6.98 9.27 -8.41
N HIS A 188 -5.90 9.32 -9.17
CA HIS A 188 -6.07 9.68 -10.56
C HIS A 188 -6.66 8.46 -11.20
N GLY A 189 -7.46 8.64 -12.25
CA GLY A 189 -8.13 7.54 -12.91
C GLY A 189 -7.49 7.02 -14.18
N ALA A 190 -6.96 5.81 -14.07
CA ALA A 190 -6.31 5.12 -15.19
C ALA A 190 -7.20 5.15 -16.44
N TRP A 191 -8.46 5.53 -16.26
CA TRP A 191 -9.37 5.58 -17.39
C TRP A 191 -9.12 6.67 -18.43
N ARG A 192 -8.89 7.92 -18.03
CA ARG A 192 -8.75 8.94 -19.06
C ARG A 192 -7.46 9.70 -19.31
N GLN A 193 -7.40 10.22 -20.53
CA GLN A 193 -6.28 10.95 -21.10
C GLN A 193 -5.93 12.33 -20.54
N THR A 194 -5.70 12.47 -19.27
CA THR A 194 -5.28 13.77 -18.82
C THR A 194 -4.26 13.73 -17.70
N VAL A 195 -3.33 14.65 -17.73
CA VAL A 195 -2.31 14.75 -16.71
C VAL A 195 -2.99 14.95 -15.37
N GLY A 196 -2.49 14.30 -14.32
CA GLY A 196 -3.08 14.44 -13.00
C GLY A 196 -2.33 13.69 -11.93
N HIS A 197 -2.44 14.14 -10.69
CA HIS A 197 -1.73 13.53 -9.58
C HIS A 197 -2.58 12.47 -8.94
N HIS A 198 -1.97 11.35 -8.60
CA HIS A 198 -2.66 10.20 -8.01
C HIS A 198 -2.77 10.21 -6.46
N SER A 199 -1.95 11.00 -5.78
CA SER A 199 -1.97 11.05 -4.35
C SER A 199 -2.12 12.47 -3.79
N PRO A 200 -3.08 13.23 -4.29
CA PRO A 200 -3.24 14.59 -3.77
C PRO A 200 -3.58 14.53 -2.28
N LEU A 201 -3.11 15.48 -1.49
CA LEU A 201 -3.45 15.51 -0.08
C LEU A 201 -4.74 16.27 0.07
N PHE A 202 -4.85 17.41 -0.59
CA PHE A 202 -6.04 18.23 -0.51
C PHE A 202 -6.77 18.33 -1.83
N ARG A 203 -8.03 18.78 -1.71
CA ARG A 203 -8.94 18.94 -2.83
C ARG A 203 -8.43 19.84 -3.93
N GLY A 204 -7.79 20.94 -3.58
CA GLY A 204 -7.34 21.83 -4.63
C GLY A 204 -8.49 22.73 -5.02
N ASN A 205 -8.43 23.97 -4.49
CA ASN A 205 -9.42 25.03 -4.67
C ASN A 205 -9.57 25.47 -6.12
N SER A 206 -9.19 24.61 -7.05
CA SER A 206 -9.26 24.99 -8.45
C SER A 206 -9.91 24.00 -9.43
N ASP A 207 -10.74 23.07 -8.97
CA ASP A 207 -11.42 22.17 -9.90
C ASP A 207 -12.55 21.35 -9.27
N ALA A 208 -13.76 21.91 -9.44
CA ALA A 208 -15.04 21.40 -8.93
C ALA A 208 -15.32 19.90 -8.82
N SER A 209 -15.43 19.20 -9.95
CA SER A 209 -15.75 17.77 -9.94
C SER A 209 -14.64 16.89 -9.35
N SER A 210 -15.07 15.79 -8.72
CA SER A 210 -14.16 14.82 -8.10
C SER A 210 -13.40 15.41 -6.92
N ARG A 211 -14.22 16.01 -5.94
CA ARG A 211 -13.59 16.46 -4.73
C ARG A 211 -13.34 15.26 -3.85
N PHE A 212 -13.92 14.13 -4.22
CA PHE A 212 -13.77 12.93 -3.47
C PHE A 212 -12.42 12.25 -3.72
N SER A 213 -11.66 12.78 -4.67
CA SER A 213 -10.36 12.21 -5.07
C SER A 213 -9.12 12.82 -4.43
N ASN A 214 -9.03 12.74 -3.10
CA ASN A 214 -7.88 13.23 -2.34
C ASN A 214 -7.86 12.61 -0.93
N ALA A 215 -6.67 12.44 -0.39
CA ALA A 215 -6.47 11.87 0.93
C ALA A 215 -7.41 12.46 2.00
N ASP A 216 -7.45 13.79 2.09
CA ASP A 216 -8.27 14.46 3.07
C ASP A 216 -9.70 14.01 3.04
N TYR A 217 -10.31 14.00 1.86
CA TYR A 217 -11.71 13.59 1.79
C TYR A 217 -11.87 12.14 2.23
N ALA A 218 -11.02 11.26 1.71
CA ALA A 218 -11.11 9.83 2.03
C ALA A 218 -11.09 9.56 3.53
N VAL A 219 -10.14 10.19 4.24
CA VAL A 219 -10.01 10.06 5.67
C VAL A 219 -11.24 10.56 6.42
N SER A 220 -11.67 11.76 6.06
CA SER A 220 -12.85 12.33 6.71
C SER A 220 -14.06 11.42 6.54
N TYR A 221 -14.19 10.80 5.37
CA TYR A 221 -15.30 9.90 5.09
C TYR A 221 -15.25 8.60 5.94
N MET A 222 -14.09 7.95 5.97
CA MET A 222 -13.94 6.74 6.73
C MET A 222 -14.35 7.03 8.14
N LEU A 223 -13.93 8.19 8.65
CA LEU A 223 -14.25 8.58 10.02
C LEU A 223 -15.77 8.75 10.13
N ARG A 224 -16.38 9.38 9.15
CA ARG A 224 -17.81 9.56 9.20
C ARG A 224 -18.53 8.21 9.19
N LEU A 225 -18.09 7.29 8.34
CA LEU A 225 -18.69 5.97 8.24
C LEU A 225 -18.52 5.10 9.47
N GLY A 226 -17.82 5.58 10.49
CA GLY A 226 -17.67 4.78 11.69
C GLY A 226 -16.32 4.16 12.03
N ALA A 227 -15.33 4.26 11.17
CA ALA A 227 -14.01 3.71 11.51
C ALA A 227 -13.32 4.57 12.59
N PRO A 228 -12.85 3.95 13.64
CA PRO A 228 -12.19 4.70 14.69
C PRO A 228 -10.87 5.25 14.17
N ALA A 229 -10.53 6.48 14.57
CA ALA A 229 -9.29 7.07 14.10
C ALA A 229 -8.10 6.21 14.51
N ASN A 230 -8.19 5.58 15.68
CA ASN A 230 -7.09 4.79 16.21
C ASN A 230 -6.91 3.45 15.51
N LYS A 231 -7.63 3.23 14.41
CA LYS A 231 -7.49 2.03 13.60
C LYS A 231 -7.20 2.36 12.11
N LEU A 232 -7.21 3.64 11.75
CA LEU A 232 -6.96 4.07 10.40
C LEU A 232 -5.50 4.37 10.14
N VAL A 233 -4.99 3.80 9.07
CA VAL A 233 -3.62 4.02 8.66
C VAL A 233 -3.67 4.62 7.27
N MET A 234 -3.08 5.79 7.11
CA MET A 234 -3.09 6.47 5.80
C MET A 234 -1.98 5.99 4.91
N GLY A 235 -2.32 5.58 3.71
CA GLY A 235 -1.32 5.06 2.79
C GLY A 235 -0.53 6.14 2.10
N ILE A 236 0.79 5.98 2.08
CA ILE A 236 1.69 6.92 1.44
C ILE A 236 2.47 6.20 0.35
N PRO A 237 2.48 6.70 -0.86
CA PRO A 237 3.21 6.03 -1.92
C PRO A 237 4.68 6.38 -1.94
N THR A 238 5.47 5.41 -2.35
CA THR A 238 6.90 5.52 -2.46
C THR A 238 7.27 5.51 -3.97
N PHE A 239 6.27 5.33 -4.82
CA PHE A 239 6.47 5.34 -6.25
C PHE A 239 5.81 6.55 -6.88
N GLY A 240 5.98 6.68 -8.18
CA GLY A 240 5.40 7.78 -8.92
C GLY A 240 4.66 7.25 -10.12
N ARG A 241 3.81 8.04 -10.70
CA ARG A 241 3.10 7.58 -11.89
C ARG A 241 3.50 8.43 -13.07
N SER A 242 3.81 7.77 -14.19
CA SER A 242 4.27 8.45 -15.41
C SER A 242 3.26 8.41 -16.54
N PHE A 243 3.32 9.45 -17.36
CA PHE A 243 2.46 9.61 -18.53
C PHE A 243 3.29 10.14 -19.70
N THR A 244 2.89 9.80 -20.93
CA THR A 244 3.58 10.32 -22.10
C THR A 244 2.71 11.46 -22.64
N LEU A 245 3.25 12.67 -22.57
CA LEU A 245 2.53 13.83 -23.04
C LEU A 245 2.13 13.70 -24.50
N ALA A 246 0.97 14.24 -24.85
CA ALA A 246 0.48 14.20 -26.22
C ALA A 246 0.69 15.59 -26.84
N SER A 247 1.26 16.51 -26.09
CA SER A 247 1.50 17.86 -26.60
C SER A 247 2.51 18.58 -25.74
N SER A 248 2.93 19.74 -26.21
CA SER A 248 3.92 20.53 -25.49
C SER A 248 3.32 21.14 -24.21
N LYS A 249 2.06 20.80 -23.93
CA LYS A 249 1.39 21.30 -22.74
C LYS A 249 1.81 20.48 -21.53
N THR A 250 2.38 21.17 -20.53
CA THR A 250 2.86 20.53 -19.31
C THR A 250 1.98 20.81 -18.09
N ASP A 251 1.25 21.91 -18.12
CA ASP A 251 0.38 22.30 -17.00
C ASP A 251 -0.82 21.38 -16.82
N VAL A 252 -1.52 21.59 -15.73
CA VAL A 252 -2.70 20.79 -15.38
C VAL A 252 -3.71 20.74 -16.51
N GLY A 253 -4.24 19.55 -16.75
CA GLY A 253 -5.21 19.36 -17.81
C GLY A 253 -4.58 18.96 -19.15
N ALA A 254 -3.26 18.95 -19.20
CA ALA A 254 -2.53 18.58 -20.42
C ALA A 254 -2.95 17.21 -21.00
N PRO A 255 -3.07 17.13 -22.32
CA PRO A 255 -3.45 15.87 -22.97
C PRO A 255 -2.42 14.77 -22.79
N ILE A 256 -2.91 13.53 -22.71
CA ILE A 256 -2.05 12.38 -22.50
C ILE A 256 -2.28 11.36 -23.59
N SER A 257 -1.21 10.86 -24.19
CA SER A 257 -1.33 9.86 -25.23
C SER A 257 -1.23 8.47 -24.63
N GLY A 258 -0.67 8.34 -23.44
CA GLY A 258 -0.57 7.03 -22.80
C GLY A 258 0.36 7.10 -21.59
N PRO A 259 0.71 5.95 -21.02
CA PRO A 259 1.60 5.85 -19.87
C PRO A 259 3.02 6.24 -20.20
N GLY A 260 3.80 6.64 -19.20
CA GLY A 260 5.18 7.03 -19.42
C GLY A 260 5.98 5.77 -19.77
N ILE A 261 7.19 5.97 -20.27
CA ILE A 261 8.04 4.85 -20.61
C ILE A 261 8.55 4.14 -19.37
N PRO A 262 8.80 2.84 -19.47
CA PRO A 262 9.30 2.09 -18.31
C PRO A 262 10.60 2.61 -17.74
N GLY A 263 10.92 2.19 -16.52
CA GLY A 263 12.13 2.59 -15.85
C GLY A 263 13.19 1.52 -16.03
N ARG A 264 14.46 1.90 -15.92
CA ARG A 264 15.53 0.92 -16.12
C ARG A 264 15.42 -0.27 -15.25
N PHE A 265 15.02 -0.15 -14.00
CA PHE A 265 14.94 -1.31 -13.14
C PHE A 265 13.54 -1.80 -12.91
N THR A 266 12.58 -0.91 -12.99
CA THR A 266 11.18 -1.24 -12.74
C THR A 266 10.53 -1.96 -13.90
N LYS A 267 10.85 -1.53 -15.12
CA LYS A 267 10.31 -2.14 -16.33
C LYS A 267 8.80 -2.30 -16.33
N GLU A 268 8.09 -1.24 -16.08
CA GLU A 268 6.63 -1.25 -16.12
C GLU A 268 6.15 0.13 -16.52
N LYS A 269 5.40 0.21 -17.61
CA LYS A 269 4.88 1.47 -18.12
C LYS A 269 3.97 2.15 -17.13
N GLY A 270 4.13 3.47 -17.01
CA GLY A 270 3.30 4.27 -16.11
C GLY A 270 3.76 4.31 -14.65
N ILE A 271 4.72 3.47 -14.28
CA ILE A 271 5.23 3.43 -12.93
C ILE A 271 6.75 3.66 -12.86
N LEU A 272 7.20 4.25 -11.77
CA LEU A 272 8.58 4.50 -11.52
C LEU A 272 8.88 4.44 -10.03
N ALA A 273 9.95 3.76 -9.68
CA ALA A 273 10.38 3.68 -8.31
C ALA A 273 10.91 5.07 -7.94
N TYR A 274 10.86 5.41 -6.65
CA TYR A 274 11.35 6.70 -6.20
C TYR A 274 12.85 6.86 -6.55
N TYR A 275 13.59 5.76 -6.49
CA TYR A 275 15.02 5.84 -6.83
C TYR A 275 15.23 6.06 -8.31
N GLU A 276 14.25 5.66 -9.12
CA GLU A 276 14.30 5.86 -10.56
C GLU A 276 13.96 7.32 -10.76
N ILE A 277 13.00 7.80 -10.01
CA ILE A 277 12.57 9.20 -10.09
C ILE A 277 13.68 10.14 -9.67
N CYS A 278 14.54 9.68 -8.77
CA CYS A 278 15.65 10.52 -8.35
C CYS A 278 16.60 10.74 -9.50
N ASP A 279 16.80 9.69 -10.29
CA ASP A 279 17.70 9.79 -11.43
C ASP A 279 17.00 10.61 -12.51
N PHE A 280 15.71 10.43 -12.66
CA PHE A 280 14.92 11.16 -13.65
C PHE A 280 14.93 12.67 -13.44
N LEU A 281 14.95 13.12 -12.20
CA LEU A 281 14.91 14.55 -11.92
C LEU A 281 15.99 15.35 -12.58
N HIS A 282 17.15 14.75 -12.77
CA HIS A 282 18.29 15.43 -13.44
C HIS A 282 17.93 15.89 -14.82
N GLY A 283 17.86 17.20 -15.00
CA GLY A 283 17.51 17.77 -16.28
C GLY A 283 16.02 17.83 -16.49
N ALA A 284 15.27 17.71 -15.41
CA ALA A 284 13.82 17.77 -15.52
C ALA A 284 13.36 19.04 -14.86
N THR A 285 12.15 19.46 -15.16
CA THR A 285 11.61 20.67 -14.55
C THR A 285 10.67 20.23 -13.43
N THR A 286 10.84 20.78 -12.25
CA THR A 286 10.02 20.40 -11.11
C THR A 286 8.94 21.43 -10.78
N HIS A 287 7.72 20.96 -10.59
CA HIS A 287 6.61 21.81 -10.25
C HIS A 287 5.96 21.24 -9.03
N ARG A 288 5.06 22.00 -8.42
CA ARG A 288 4.37 21.54 -7.21
C ARG A 288 3.00 22.16 -7.13
N PHE A 289 1.95 21.34 -7.03
CA PHE A 289 0.58 21.84 -6.86
C PHE A 289 0.49 22.40 -5.44
N ARG A 290 0.27 23.70 -5.29
CA ARG A 290 0.18 24.32 -3.97
C ARG A 290 -1.04 23.83 -3.22
N ASP A 291 -2.17 23.71 -3.89
CA ASP A 291 -3.38 23.27 -3.24
C ASP A 291 -3.33 21.83 -2.76
N GLN A 292 -2.93 20.91 -3.62
CA GLN A 292 -2.83 19.51 -3.24
C GLN A 292 -1.57 19.20 -2.43
N GLN A 293 -0.59 20.07 -2.58
CA GLN A 293 0.67 19.93 -1.89
C GLN A 293 1.47 18.69 -2.30
N VAL A 294 1.45 18.39 -3.59
CA VAL A 294 2.20 17.29 -4.12
C VAL A 294 2.95 17.77 -5.36
N PRO A 295 4.10 17.20 -5.66
CA PRO A 295 4.85 17.60 -6.85
C PRO A 295 4.77 16.71 -8.11
N TYR A 296 5.31 17.26 -9.19
CA TYR A 296 5.42 16.55 -10.45
C TYR A 296 6.60 17.10 -11.26
N ALA A 297 7.09 16.31 -12.18
CA ALA A 297 8.20 16.77 -12.98
C ALA A 297 7.95 16.43 -14.44
N THR A 298 8.65 17.11 -15.33
CA THR A 298 8.50 16.87 -16.76
C THR A 298 9.86 16.96 -17.41
N LYS A 299 10.07 16.13 -18.43
CA LYS A 299 11.32 16.09 -19.16
C LYS A 299 10.88 15.52 -20.48
N GLY A 300 11.18 16.22 -21.57
CA GLY A 300 10.75 15.76 -22.87
C GLY A 300 9.22 15.67 -22.91
N ASN A 301 8.70 14.52 -23.35
CA ASN A 301 7.26 14.30 -23.38
C ASN A 301 6.83 13.41 -22.20
N GLN A 302 7.69 13.33 -21.18
CA GLN A 302 7.41 12.53 -20.00
C GLN A 302 6.94 13.39 -18.86
N TRP A 303 5.80 13.04 -18.29
CA TRP A 303 5.24 13.80 -17.16
C TRP A 303 5.10 12.83 -16.01
N VAL A 304 5.76 13.16 -14.90
CA VAL A 304 5.75 12.30 -13.72
C VAL A 304 5.16 12.91 -12.44
N ALA A 305 4.12 12.26 -11.89
CA ALA A 305 3.47 12.67 -10.63
C ALA A 305 4.01 11.79 -9.51
N TYR A 306 4.74 12.39 -8.57
CA TYR A 306 5.35 11.60 -7.51
C TYR A 306 5.23 12.27 -6.12
N ASP A 307 5.97 11.76 -5.15
CA ASP A 307 6.02 12.28 -3.78
C ASP A 307 7.47 12.42 -3.34
N ASP A 308 7.80 13.51 -2.69
CA ASP A 308 9.15 13.65 -2.19
C ASP A 308 9.17 13.70 -0.65
N GLN A 309 10.31 13.98 -0.06
CA GLN A 309 10.43 14.06 1.38
C GLN A 309 9.47 15.05 1.96
N GLU A 310 9.33 16.20 1.31
CA GLU A 310 8.43 17.21 1.86
C GLU A 310 6.93 16.88 1.70
N SER A 311 6.52 16.29 0.61
CA SER A 311 5.10 15.99 0.47
C SER A 311 4.75 14.91 1.46
N VAL A 312 5.70 13.99 1.65
CA VAL A 312 5.52 12.87 2.54
C VAL A 312 5.46 13.29 4.01
N LYS A 313 6.27 14.26 4.38
CA LYS A 313 6.24 14.76 5.76
C LYS A 313 4.93 15.50 5.95
N ASN A 314 4.50 16.13 4.89
CA ASN A 314 3.25 16.87 4.91
C ASN A 314 2.06 15.98 5.23
N LYS A 315 2.02 14.87 4.53
CA LYS A 315 0.99 13.90 4.71
C LYS A 315 1.05 13.33 6.10
N ALA A 316 2.26 13.11 6.59
CA ALA A 316 2.46 12.58 7.93
C ALA A 316 1.92 13.54 9.00
N ARG A 317 2.18 14.82 8.86
CA ARG A 317 1.65 15.77 9.85
C ARG A 317 0.13 15.74 9.84
N TYR A 318 -0.45 15.71 8.63
CA TYR A 318 -1.89 15.65 8.48
C TYR A 318 -2.42 14.49 9.31
N LEU A 319 -1.90 13.35 9.03
CA LEU A 319 -2.23 12.10 9.67
C LEU A 319 -2.25 12.24 11.19
N LYS A 320 -1.23 12.93 11.72
CA LYS A 320 -1.09 13.16 13.16
C LYS A 320 -2.11 14.13 13.71
N ASN A 321 -2.38 15.21 12.98
CA ASN A 321 -3.33 16.18 13.45
C ASN A 321 -4.75 15.60 13.54
N ARG A 322 -5.06 14.64 12.68
CA ARG A 322 -6.34 13.98 12.73
C ARG A 322 -6.29 12.80 13.70
N GLN A 323 -5.14 12.62 14.32
CA GLN A 323 -4.91 11.56 15.28
C GLN A 323 -5.14 10.14 14.80
N LEU A 324 -4.68 9.81 13.60
CA LEU A 324 -4.88 8.49 13.11
C LEU A 324 -3.87 7.52 13.78
N ALA A 325 -3.97 6.24 13.47
CA ALA A 325 -3.09 5.26 14.08
C ALA A 325 -1.69 5.39 13.57
N GLY A 326 -1.55 5.74 12.30
CA GLY A 326 -0.21 5.85 11.74
C GLY A 326 -0.20 5.92 10.22
N ALA A 327 0.94 5.58 9.66
CA ALA A 327 1.13 5.60 8.22
C ALA A 327 1.42 4.23 7.68
N MET A 328 1.11 4.04 6.39
CA MET A 328 1.38 2.82 5.68
C MET A 328 2.15 3.23 4.46
N VAL A 329 3.25 2.57 4.21
CA VAL A 329 4.11 2.87 3.07
C VAL A 329 4.05 1.74 2.07
N TRP A 330 3.60 2.04 0.89
CA TRP A 330 3.53 0.99 -0.11
C TRP A 330 4.87 0.93 -0.87
N ALA A 331 5.50 -0.24 -0.65
CA ALA A 331 6.72 -0.72 -1.21
C ALA A 331 7.94 -0.06 -0.67
N LEU A 332 8.65 -0.80 0.19
CA LEU A 332 9.92 -0.38 0.71
C LEU A 332 10.92 -0.62 -0.42
N ASP A 333 10.59 -1.55 -1.30
CA ASP A 333 11.46 -1.92 -2.42
C ASP A 333 11.44 -0.87 -3.52
N LEU A 334 10.56 0.13 -3.39
CA LEU A 334 10.46 1.20 -4.38
C LEU A 334 11.08 2.49 -3.88
N ASP A 335 11.41 2.50 -2.60
CA ASP A 335 12.04 3.62 -1.95
C ASP A 335 13.54 3.40 -2.26
N ASP A 336 14.39 4.35 -1.89
CA ASP A 336 15.83 4.21 -2.12
C ASP A 336 16.40 3.38 -1.00
N PHE A 337 16.10 2.08 -1.03
CA PHE A 337 16.54 1.15 -0.02
C PHE A 337 18.05 1.05 0.07
N ARG A 338 18.75 1.20 -1.05
CA ARG A 338 20.21 1.14 -1.03
C ARG A 338 20.74 2.47 -0.60
N GLY A 339 19.97 3.52 -0.87
CA GLY A 339 20.34 4.88 -0.50
C GLY A 339 21.47 5.45 -1.35
N THR A 340 21.61 4.96 -2.59
CA THR A 340 22.67 5.43 -3.48
C THR A 340 22.19 6.09 -4.75
N PHE A 341 20.89 6.35 -4.88
CA PHE A 341 20.37 7.00 -6.08
C PHE A 341 19.96 8.46 -5.82
N CYS A 342 19.42 8.72 -4.65
CA CYS A 342 18.92 10.04 -4.33
C CYS A 342 19.85 10.96 -3.60
N GLY A 343 20.93 11.37 -4.25
CA GLY A 343 21.86 12.27 -3.61
C GLY A 343 22.09 11.78 -2.21
N GLN A 344 21.75 12.59 -1.21
CA GLN A 344 21.90 12.22 0.20
C GLN A 344 22.09 10.73 0.39
N ASN A 345 23.21 10.34 1.03
CA ASN A 345 23.52 8.93 1.24
C ASN A 345 22.57 8.19 2.16
N LEU A 346 21.45 8.83 2.52
CA LEU A 346 20.47 8.25 3.40
C LEU A 346 19.79 7.07 2.76
N THR A 347 19.54 6.05 3.58
CA THR A 347 18.89 4.82 3.18
C THR A 347 17.36 4.93 3.47
N PHE A 348 16.52 4.54 2.54
CA PHE A 348 15.07 4.67 2.74
C PHE A 348 14.70 6.13 3.05
N PRO A 349 15.00 7.04 2.14
CA PRO A 349 14.74 8.48 2.32
C PRO A 349 13.29 8.80 2.63
N LEU A 350 12.37 8.35 1.80
CA LEU A 350 10.95 8.58 1.96
C LEU A 350 10.40 7.96 3.24
N THR A 351 10.60 6.67 3.45
CA THR A 351 10.07 6.07 4.64
C THR A 351 10.65 6.77 5.88
N SER A 352 11.93 7.04 5.88
CA SER A 352 12.55 7.73 7.01
C SER A 352 11.84 9.10 7.30
N ALA A 353 11.56 9.84 6.23
CA ALA A 353 10.91 11.10 6.38
C ALA A 353 9.64 10.91 7.20
N VAL A 354 8.80 9.97 6.79
CA VAL A 354 7.58 9.70 7.52
C VAL A 354 7.87 9.36 8.97
N LYS A 355 8.88 8.54 9.17
CA LYS A 355 9.24 8.14 10.54
C LYS A 355 9.67 9.36 11.38
N ASP A 356 10.37 10.29 10.77
CA ASP A 356 10.80 11.46 11.47
C ASP A 356 9.63 12.27 12.01
N VAL A 357 8.62 12.45 11.20
CA VAL A 357 7.43 13.22 11.63
C VAL A 357 6.67 12.51 12.74
N LEU A 358 6.50 11.21 12.60
CA LEU A 358 5.77 10.39 13.55
C LEU A 358 6.45 10.27 14.88
N ALA A 359 7.77 10.42 14.88
CA ALA A 359 8.57 10.28 16.10
C ALA A 359 8.81 11.56 16.83
N ARG A 360 8.58 12.71 16.25
CA ARG A 360 8.84 13.92 17.01
C ARG A 360 7.60 14.33 17.83
N VAL A 361 6.77 13.33 18.12
CA VAL A 361 5.55 13.48 18.91
C VAL A 361 4.68 12.23 18.66
N TRP B 1 2.60 -14.71 -14.28
CA TRP B 1 3.14 -13.42 -14.85
C TRP B 1 2.56 -12.17 -14.11
N PRO B 2 3.50 -11.52 -13.55
CA PRO B 2 3.35 -10.22 -12.80
C PRO B 2 2.72 -8.99 -13.44
N TRP B 3 3.47 -7.92 -13.13
CA TRP B 3 3.40 -6.59 -13.83
C TRP B 3 2.36 -6.22 -14.94
C1 NAG C . -2.11 -19.89 -7.28
C2 NAG C . -1.18 -20.27 -8.42
C3 NAG C . -1.94 -20.63 -9.69
C4 NAG C . -3.21 -21.43 -9.46
C5 NAG C . -3.96 -20.98 -8.18
C6 NAG C . -5.08 -21.95 -7.83
C7 NAG C . 0.97 -19.24 -8.38
C8 NAG C . 1.82 -18.03 -8.42
N2 NAG C . -0.29 -19.16 -8.70
O3 NAG C . -1.07 -21.40 -10.46
O4 NAG C . -4.02 -21.19 -10.61
O5 NAG C . -3.10 -20.87 -7.06
O6 NAG C . -4.57 -23.04 -7.11
O7 NAG C . 1.45 -20.30 -8.05
C1 NAG D . -4.77 -23.32 -10.97
C2 NAG D . -5.57 -22.86 -12.14
C3 NAG D . -5.90 -24.09 -12.99
C4 NAG D . -4.59 -24.81 -13.31
C5 NAG D . -3.74 -25.04 -12.04
C6 NAG D . -2.41 -25.67 -12.42
C7 NAG D . -6.76 -20.85 -11.52
C8 NAG D . -7.95 -20.23 -10.82
N2 NAG D . -6.78 -22.14 -11.78
O3 NAG D . -6.60 -23.72 -14.18
O4 NAG D . -4.88 -26.04 -13.95
O5 NAG D . -3.50 -23.79 -11.27
O6 NAG D . -1.45 -24.64 -12.60
O7 NAG D . -5.79 -20.14 -11.81
#